data_7NT0
#
_entry.id   7NT0
#
_cell.length_a   38.587
_cell.length_b   52.167
_cell.length_c   55.579
_cell.angle_alpha   92.113
_cell.angle_beta   105.123
_cell.angle_gamma   111.513
#
_symmetry.space_group_name_H-M   'P 1'
#
loop_
_entity.id
_entity.type
_entity.pdbx_description
1 polymer 'Isoform A of Peptidoglycan-recognition protein LB'
2 non-polymer 'ZINC ION'
3 non-polymer GLCNAC(BETA1-4)-MURNAC(1,6-ANHYDRO)-L-ALA-GAMMA-D-GLU-MESO-A2PM-D-ALA
4 water water
#
_entity_poly.entity_id   1
_entity_poly.type   'polypeptide(L)'
_entity_poly.pdbx_seq_one_letter_code
;GPMQQANLGDGVATARLLSRSDWGARLPKSVEHFQGPAPYVIIHHSYMPAVCYSTPDCMKSMRDMQDFHQLERGWNDIGF
SFGIGGDGMIYTGRGFNVIGAHAPKYNDKSVGIVLIGDWRTELPPKQMLDAAKNLIAFGVFKGYIDPAYKLLGHRQVRDT
ECPGGRLFAEISSWPHFTHINDTEGVSSTTAPVVPHVHPQAAAPQKPHQSPPAAPKV
;
_entity_poly.pdbx_strand_id   AAA,BBB
#
# COMPACT_ATOMS: atom_id res chain seq x y z
N GLN A 5 27.73 15.50 -0.68
CA GLN A 5 27.52 14.59 -1.86
C GLN A 5 27.88 13.15 -1.45
N ALA A 6 26.87 12.40 -1.08
CA ALA A 6 26.99 11.12 -0.36
C ALA A 6 27.10 9.95 -1.35
N ASN A 7 26.63 10.13 -2.61
CA ASN A 7 26.31 8.99 -3.52
C ASN A 7 27.01 9.12 -4.87
N LEU A 8 27.91 10.11 -5.06
CA LEU A 8 28.65 10.23 -6.34
C LEU A 8 29.90 11.06 -6.09
N GLY A 9 31.01 10.68 -6.70
CA GLY A 9 32.35 11.27 -6.43
C GLY A 9 32.46 12.67 -6.97
N ARG A 16 8.08 -3.17 -11.73
CA ARG A 16 8.72 -4.47 -11.50
C ARG A 16 9.99 -4.21 -10.68
N LEU A 17 10.48 -5.28 -10.09
CA LEU A 17 11.57 -5.26 -9.12
C LEU A 17 12.76 -5.92 -9.81
N LEU A 18 13.83 -5.18 -10.04
CA LEU A 18 15.02 -5.69 -10.73
C LEU A 18 16.01 -6.20 -9.68
N SER A 19 16.65 -7.31 -9.97
CA SER A 19 17.67 -7.92 -9.10
C SER A 19 18.95 -7.10 -9.22
N ARG A 20 19.88 -7.37 -8.36
CA ARG A 20 21.24 -6.77 -8.44
C ARG A 20 21.89 -7.20 -9.77
N SER A 21 21.73 -8.44 -10.18
CA SER A 21 22.32 -8.88 -11.46
C SER A 21 21.64 -8.19 -12.64
N ASP A 22 20.36 -7.86 -12.56
CA ASP A 22 19.65 -7.12 -13.65
C ASP A 22 20.38 -5.80 -13.96
N TRP A 23 20.92 -5.10 -12.96
CA TRP A 23 21.52 -3.76 -13.19
C TRP A 23 23.05 -3.84 -13.17
N GLY A 24 23.63 -5.03 -13.17
CA GLY A 24 25.09 -5.13 -13.33
C GLY A 24 25.88 -4.85 -12.08
N ALA A 25 25.33 -5.12 -10.91
CA ALA A 25 25.99 -4.82 -9.62
C ALA A 25 27.27 -5.64 -9.47
N ARG A 26 28.27 -5.03 -8.89
CA ARG A 26 29.45 -5.71 -8.30
C ARG A 26 28.97 -6.50 -7.06
N LEU A 27 29.67 -7.58 -6.74
CA LEU A 27 29.36 -8.31 -5.49
C LEU A 27 29.57 -7.39 -4.31
N PRO A 28 28.76 -7.56 -3.25
CA PRO A 28 29.08 -6.95 -1.96
C PRO A 28 30.41 -7.52 -1.42
N LYS A 29 31.19 -6.69 -0.74
CA LYS A 29 32.46 -7.15 -0.09
C LYS A 29 32.11 -8.14 1.02
N SER A 30 30.99 -7.91 1.67
CA SER A 30 30.51 -8.69 2.83
C SER A 30 29.02 -8.37 3.00
N VAL A 31 28.25 -9.26 3.59
CA VAL A 31 26.80 -9.06 3.85
C VAL A 31 26.55 -9.41 5.31
N GLU A 32 25.89 -8.54 6.05
CA GLU A 32 25.41 -8.86 7.40
C GLU A 32 23.90 -8.75 7.38
N HIS A 33 23.21 -9.71 7.98
CA HIS A 33 21.72 -9.75 8.04
C HIS A 33 21.24 -9.22 9.37
N PHE A 34 20.01 -8.74 9.41
CA PHE A 34 19.29 -8.49 10.67
C PHE A 34 18.02 -9.34 10.64
N GLN A 35 17.50 -9.65 11.82
CA GLN A 35 16.35 -10.57 11.96
C GLN A 35 15.08 -9.72 12.04
N GLY A 36 13.96 -10.30 11.62
CA GLY A 36 12.61 -9.83 11.98
C GLY A 36 12.21 -8.81 10.95
N PRO A 37 10.91 -8.48 10.85
CA PRO A 37 10.46 -7.42 9.96
C PRO A 37 11.05 -6.08 10.40
N ALA A 38 11.41 -5.22 9.44
CA ALA A 38 12.03 -3.93 9.74
C ALA A 38 10.98 -3.02 10.34
N PRO A 39 11.26 -2.38 11.50
CA PRO A 39 10.33 -1.43 12.08
C PRO A 39 10.36 -0.04 11.45
N TYR A 40 11.35 0.26 10.60
CA TYR A 40 11.50 1.62 10.00
C TYR A 40 11.66 1.49 8.49
N VAL A 41 11.05 2.44 7.80
CA VAL A 41 11.32 2.72 6.38
C VAL A 41 11.85 4.15 6.31
N ILE A 42 13.03 4.32 5.71
CA ILE A 42 13.73 5.61 5.67
C ILE A 42 13.88 5.99 4.19
N ILE A 43 13.31 7.12 3.83
CA ILE A 43 13.34 7.63 2.45
C ILE A 43 14.51 8.59 2.29
N HIS A 44 15.18 8.44 1.15
CA HIS A 44 16.32 9.24 0.72
C HIS A 44 16.04 9.78 -0.67
N HIS A 45 16.81 10.81 -1.07
CA HIS A 45 17.04 11.13 -2.48
C HIS A 45 18.53 10.97 -2.77
N SER A 46 18.91 10.81 -4.01
CA SER A 46 20.36 10.64 -4.32
C SER A 46 21.06 11.99 -4.31
N TYR A 47 20.36 13.06 -4.74
CA TYR A 47 20.89 14.44 -4.95
C TYR A 47 21.80 14.45 -6.17
N MET A 48 22.85 13.63 -6.14
CA MET A 48 23.67 13.23 -7.31
CA MET A 48 23.66 13.23 -7.31
C MET A 48 23.85 11.73 -7.19
N PRO A 49 23.56 10.92 -8.22
CA PRO A 49 23.22 11.40 -9.57
C PRO A 49 21.80 11.96 -9.74
N ALA A 50 21.55 12.53 -10.92
CA ALA A 50 20.28 13.16 -11.32
C ALA A 50 19.22 12.09 -11.59
N VAL A 51 18.00 12.56 -11.74
CA VAL A 51 16.85 11.74 -12.21
C VAL A 51 17.25 11.03 -13.51
N CYS A 52 16.81 9.76 -13.62
CA CYS A 52 17.11 8.84 -14.72
C CYS A 52 15.75 8.39 -15.28
N TYR A 53 15.56 8.46 -16.60
CA TYR A 53 14.26 8.11 -17.22
C TYR A 53 14.31 6.77 -17.96
N SER A 54 15.43 6.38 -18.51
CA SER A 54 15.51 5.08 -19.23
C SER A 54 16.04 4.03 -18.28
N THR A 55 15.65 2.79 -18.46
CA THR A 55 16.19 1.72 -17.60
C THR A 55 17.71 1.65 -17.67
N PRO A 56 18.40 1.64 -18.81
CA PRO A 56 19.84 1.56 -18.77
C PRO A 56 20.49 2.75 -18.07
N ASP A 57 19.87 3.92 -18.13
CA ASP A 57 20.40 5.10 -17.41
C ASP A 57 20.21 4.88 -15.90
N CYS A 58 19.08 4.33 -15.46
CA CYS A 58 18.84 4.05 -14.02
C CYS A 58 19.79 2.96 -13.53
N MET A 59 20.08 1.97 -14.39
CA MET A 59 21.04 0.91 -14.01
C MET A 59 22.42 1.53 -13.82
N LYS A 60 22.80 2.41 -14.72
CA LYS A 60 24.11 3.14 -14.62
C LYS A 60 24.13 3.95 -13.33
N SER A 61 23.05 4.58 -12.92
CA SER A 61 23.00 5.41 -11.68
C SER A 61 23.25 4.50 -10.51
N MET A 62 22.63 3.32 -10.52
CA MET A 62 22.83 2.35 -9.41
C MET A 62 24.29 1.90 -9.38
N ARG A 63 24.89 1.57 -10.52
CA ARG A 63 26.33 1.19 -10.56
C ARG A 63 27.21 2.35 -10.07
N ASP A 64 26.87 3.57 -10.45
CA ASP A 64 27.70 4.74 -10.09
C ASP A 64 27.63 4.99 -8.58
N MET A 65 26.46 4.87 -7.98
CA MET A 65 26.31 5.02 -6.52
C MET A 65 27.04 3.85 -5.83
N GLN A 66 26.87 2.64 -6.34
CA GLN A 66 27.58 1.48 -5.75
C GLN A 66 29.09 1.71 -5.80
N ASP A 67 29.60 2.15 -6.93
CA ASP A 67 31.05 2.40 -7.07
C ASP A 67 31.52 3.49 -6.08
N PHE A 68 30.79 4.58 -5.93
CA PHE A 68 31.16 5.63 -4.96
C PHE A 68 31.18 5.05 -3.53
N HIS A 69 30.11 4.35 -3.14
CA HIS A 69 30.02 3.78 -1.79
C HIS A 69 31.14 2.75 -1.54
N GLN A 70 31.34 1.83 -2.46
CA GLN A 70 32.32 0.74 -2.23
C GLN A 70 33.74 1.30 -2.33
N LEU A 71 34.04 2.05 -3.38
CA LEU A 71 35.44 2.33 -3.76
C LEU A 71 35.91 3.60 -3.08
N GLU A 72 35.03 4.59 -2.90
CA GLU A 72 35.50 5.85 -2.27
C GLU A 72 35.16 5.90 -0.79
N ARG A 73 34.00 5.40 -0.38
CA ARG A 73 33.63 5.43 1.06
C ARG A 73 34.13 4.17 1.75
N GLY A 74 34.50 3.13 1.00
CA GLY A 74 35.00 1.86 1.54
C GLY A 74 33.90 1.02 2.16
N TRP A 75 32.65 1.21 1.74
CA TRP A 75 31.56 0.39 2.28
C TRP A 75 31.50 -0.97 1.58
N ASN A 76 30.72 -1.87 2.14
CA ASN A 76 30.53 -3.25 1.66
C ASN A 76 29.81 -3.22 0.33
N ASP A 77 28.96 -2.22 0.11
CA ASP A 77 28.01 -2.29 -1.01
C ASP A 77 27.37 -0.90 -1.12
N ILE A 78 26.60 -0.70 -2.18
CA ILE A 78 25.65 0.45 -2.19
C ILE A 78 24.98 0.49 -0.82
N GLY A 79 24.82 1.70 -0.25
CA GLY A 79 24.36 1.84 1.14
C GLY A 79 22.86 1.56 1.32
N PHE A 80 22.08 1.74 0.25
CA PHE A 80 20.60 1.69 0.29
C PHE A 80 20.11 0.26 0.11
N SER A 81 18.93 -0.01 0.65
CA SER A 81 18.24 -1.32 0.51
C SER A 81 17.72 -1.44 -0.92
N PHE A 82 17.13 -0.37 -1.44
CA PHE A 82 16.47 -0.30 -2.75
C PHE A 82 16.66 1.10 -3.32
N GLY A 83 16.75 1.16 -4.64
CA GLY A 83 16.65 2.37 -5.45
C GLY A 83 15.38 2.38 -6.27
N ILE A 84 14.88 3.59 -6.57
CA ILE A 84 13.73 3.80 -7.46
C ILE A 84 14.22 4.68 -8.60
N GLY A 85 13.95 4.29 -9.83
CA GLY A 85 14.30 5.06 -11.01
C GLY A 85 13.12 5.81 -11.58
N GLY A 86 13.42 6.79 -12.42
CA GLY A 86 12.41 7.57 -13.17
C GLY A 86 11.78 6.74 -14.26
N ASP A 87 12.36 5.56 -14.56
CA ASP A 87 11.68 4.49 -15.33
C ASP A 87 10.52 3.87 -14.54
N GLY A 88 10.35 4.19 -13.26
CA GLY A 88 9.31 3.60 -12.41
C GLY A 88 9.66 2.20 -11.95
N MET A 89 10.91 1.79 -12.11
CA MET A 89 11.35 0.45 -11.67
C MET A 89 12.00 0.57 -10.28
N ILE A 90 11.94 -0.54 -9.58
CA ILE A 90 12.62 -0.74 -8.27
C ILE A 90 13.89 -1.54 -8.52
N TYR A 91 15.01 -1.05 -7.98
CA TYR A 91 16.33 -1.67 -8.10
C TYR A 91 16.72 -2.23 -6.72
N THR A 92 17.05 -3.51 -6.66
CA THR A 92 17.50 -4.13 -5.40
C THR A 92 18.90 -3.59 -5.12
N GLY A 93 19.07 -3.01 -3.94
CA GLY A 93 20.40 -2.61 -3.43
C GLY A 93 20.87 -3.73 -2.51
N ARG A 94 20.99 -3.42 -1.24
CA ARG A 94 21.29 -4.48 -0.24
C ARG A 94 20.10 -5.40 -0.04
N GLY A 95 18.89 -4.94 -0.30
CA GLY A 95 17.70 -5.77 -0.17
C GLY A 95 17.18 -5.83 1.26
N PHE A 96 16.10 -6.58 1.44
CA PHE A 96 15.42 -6.69 2.78
C PHE A 96 16.31 -7.47 3.74
N ASN A 97 16.32 -7.04 4.99
CA ASN A 97 16.91 -7.78 6.14
C ASN A 97 18.44 -7.81 6.00
N VAL A 98 19.00 -6.88 5.23
CA VAL A 98 20.46 -6.72 5.15
C VAL A 98 20.79 -5.39 5.83
N ILE A 99 21.79 -5.42 6.70
CA ILE A 99 22.22 -4.21 7.41
C ILE A 99 22.72 -3.22 6.36
N GLY A 100 22.16 -2.03 6.37
CA GLY A 100 22.47 -0.99 5.39
C GLY A 100 23.61 -0.08 5.82
N ALA A 101 23.85 0.91 4.99
CA ALA A 101 24.81 2.00 5.21
C ALA A 101 24.17 3.27 4.67
N HIS A 102 23.01 3.63 5.22
CA HIS A 102 22.24 4.82 4.76
C HIS A 102 21.78 5.70 5.92
N ALA A 103 21.66 5.20 7.14
CA ALA A 103 21.14 5.98 8.29
C ALA A 103 21.65 5.37 9.59
N PRO A 104 22.72 5.95 10.17
CA PRO A 104 23.31 5.43 11.41
C PRO A 104 22.27 5.29 12.53
N LYS A 105 22.36 4.17 13.26
CA LYS A 105 21.46 3.75 14.37
C LYS A 105 20.20 3.12 13.78
N TYR A 106 19.96 3.21 12.46
CA TYR A 106 18.75 2.61 11.84
C TYR A 106 19.12 1.59 10.76
N ASN A 107 20.41 1.34 10.53
CA ASN A 107 20.85 0.47 9.43
C ASN A 107 20.47 -0.98 9.68
N ASP A 108 20.33 -1.39 10.95
CA ASP A 108 20.05 -2.82 11.26
C ASP A 108 18.56 -2.95 11.55
N LYS A 109 17.73 -1.97 11.19
CA LYS A 109 16.31 -2.02 11.59
C LYS A 109 15.46 -1.23 10.60
N SER A 110 15.90 -1.12 9.35
CA SER A 110 15.15 -0.30 8.37
C SER A 110 15.32 -0.85 6.97
N VAL A 111 14.41 -0.40 6.14
CA VAL A 111 14.54 -0.45 4.67
C VAL A 111 14.86 0.98 4.25
N GLY A 112 16.03 1.18 3.64
CA GLY A 112 16.45 2.47 3.13
C GLY A 112 16.14 2.53 1.66
N ILE A 113 15.24 3.43 1.27
CA ILE A 113 14.82 3.54 -0.14
C ILE A 113 15.31 4.86 -0.70
N VAL A 114 16.08 4.82 -1.79
CA VAL A 114 16.52 6.06 -2.46
C VAL A 114 15.69 6.27 -3.69
N LEU A 115 15.10 7.47 -3.81
CA LEU A 115 14.48 7.93 -5.08
C LEU A 115 15.57 8.68 -5.83
N ILE A 116 16.08 8.09 -6.89
CA ILE A 116 17.22 8.65 -7.66
C ILE A 116 16.83 10.02 -8.20
N GLY A 117 17.65 11.01 -7.89
CA GLY A 117 17.41 12.38 -8.32
C GLY A 117 17.55 13.37 -7.19
N ASP A 118 17.41 14.62 -7.58
CA ASP A 118 17.45 15.79 -6.65
C ASP A 118 16.01 16.25 -6.41
N TRP A 119 15.46 15.99 -5.23
CA TRP A 119 14.03 16.21 -4.94
C TRP A 119 13.90 17.29 -3.84
N ARG A 120 14.85 18.22 -3.82
CA ARG A 120 14.79 19.41 -2.91
C ARG A 120 13.58 20.29 -3.25
N THR A 121 13.29 20.56 -4.52
CA THR A 121 12.24 21.51 -4.94
C THR A 121 11.25 20.85 -5.88
N GLU A 122 11.68 19.88 -6.70
CA GLU A 122 10.78 19.20 -7.65
C GLU A 122 10.23 17.94 -6.98
N LEU A 123 9.02 17.57 -7.35
CA LEU A 123 8.35 16.35 -6.88
C LEU A 123 8.77 15.25 -7.84
N PRO A 124 9.20 14.07 -7.36
CA PRO A 124 9.41 12.96 -8.26
C PRO A 124 8.17 12.67 -9.09
N PRO A 125 8.36 12.22 -10.33
CA PRO A 125 7.22 11.88 -11.18
C PRO A 125 6.44 10.73 -10.54
N LYS A 126 5.18 10.65 -10.93
CA LYS A 126 4.23 9.73 -10.29
C LYS A 126 4.70 8.28 -10.32
N GLN A 127 5.35 7.83 -11.40
CA GLN A 127 5.80 6.40 -11.49
C GLN A 127 6.82 6.12 -10.36
N MET A 128 7.57 7.12 -9.93
CA MET A 128 8.56 6.93 -8.83
C MET A 128 7.85 6.85 -7.48
N LEU A 129 6.86 7.72 -7.23
CA LEU A 129 6.11 7.70 -5.97
C LEU A 129 5.33 6.39 -5.87
N ASP A 130 4.73 5.96 -6.98
CA ASP A 130 3.97 4.69 -7.01
C ASP A 130 4.92 3.52 -6.74
N ALA A 131 6.09 3.46 -7.38
CA ALA A 131 7.05 2.37 -7.16
C ALA A 131 7.41 2.29 -5.67
N ALA A 132 7.68 3.44 -5.03
CA ALA A 132 8.10 3.46 -3.61
C ALA A 132 6.93 2.96 -2.74
N LYS A 133 5.71 3.41 -3.04
CA LYS A 133 4.54 2.95 -2.23
C LYS A 133 4.35 1.44 -2.42
N ASN A 134 4.49 0.95 -3.64
CA ASN A 134 4.30 -0.48 -3.99
C ASN A 134 5.38 -1.31 -3.33
N LEU A 135 6.62 -0.82 -3.30
CA LEU A 135 7.70 -1.57 -2.63
C LEU A 135 7.38 -1.74 -1.16
N ILE A 136 6.97 -0.67 -0.51
CA ILE A 136 6.62 -0.73 0.93
C ILE A 136 5.45 -1.71 1.11
N ALA A 137 4.38 -1.57 0.32
CA ALA A 137 3.21 -2.47 0.48
C ALA A 137 3.63 -3.92 0.28
N PHE A 138 4.52 -4.18 -0.68
CA PHE A 138 5.05 -5.53 -0.98
C PHE A 138 5.80 -6.07 0.24
N GLY A 139 6.69 -5.22 0.79
CA GLY A 139 7.47 -5.54 1.98
C GLY A 139 6.56 -5.91 3.14
N VAL A 140 5.49 -5.19 3.32
CA VAL A 140 4.55 -5.43 4.46
C VAL A 140 3.87 -6.78 4.20
N PHE A 141 3.40 -7.00 2.99
CA PHE A 141 2.65 -8.23 2.64
C PHE A 141 3.53 -9.47 2.82
N LYS A 142 4.78 -9.40 2.41
CA LYS A 142 5.72 -10.56 2.44
C LYS A 142 6.34 -10.72 3.84
N GLY A 143 6.16 -9.80 4.78
CA GLY A 143 6.69 -9.92 6.15
C GLY A 143 8.10 -9.38 6.29
N TYR A 144 8.58 -8.56 5.36
CA TYR A 144 9.93 -7.93 5.50
C TYR A 144 9.85 -6.60 6.26
N ILE A 145 8.67 -6.01 6.28
CA ILE A 145 8.45 -4.70 6.94
C ILE A 145 7.36 -4.96 7.98
N ASP A 146 7.62 -4.50 9.18
CA ASP A 146 6.67 -4.62 10.33
C ASP A 146 5.35 -3.97 9.93
N PRO A 147 4.20 -4.63 10.21
CA PRO A 147 2.90 -4.01 9.94
C PRO A 147 2.67 -2.69 10.71
N ALA A 148 3.40 -2.43 11.77
CA ALA A 148 3.38 -1.12 12.48
C ALA A 148 4.66 -0.33 12.17
N TYR A 149 5.25 -0.50 10.98
CA TYR A 149 6.45 0.29 10.62
C TYR A 149 6.19 1.80 10.79
N LYS A 150 7.30 2.51 11.01
CA LYS A 150 7.32 3.98 11.01
C LYS A 150 8.07 4.43 9.75
N LEU A 151 7.46 5.32 9.00
CA LEU A 151 8.05 5.92 7.76
C LEU A 151 8.70 7.22 8.15
N LEU A 152 9.99 7.36 7.82
CA LEU A 152 10.76 8.58 8.13
C LEU A 152 11.46 9.09 6.86
N GLY A 153 11.80 10.37 6.83
CA GLY A 153 12.83 10.91 5.92
C GLY A 153 14.17 10.85 6.63
N HIS A 154 15.25 10.68 5.89
CA HIS A 154 16.62 10.68 6.45
C HIS A 154 16.81 11.86 7.44
N ARG A 155 16.36 13.04 7.09
CA ARG A 155 16.60 14.30 7.85
C ARG A 155 15.99 14.21 9.25
N GLN A 156 15.09 13.27 9.50
CA GLN A 156 14.49 13.13 10.86
C GLN A 156 15.46 12.43 11.80
N VAL A 157 16.48 11.73 11.29
CA VAL A 157 17.38 10.92 12.15
C VAL A 157 18.86 11.32 11.95
N ARG A 158 19.15 12.28 11.13
CA ARG A 158 20.55 12.70 10.85
C ARG A 158 20.44 14.15 10.38
N ASP A 159 21.49 14.94 10.61
CA ASP A 159 21.52 16.34 10.15
C ASP A 159 21.81 16.34 8.64
N THR A 160 20.78 16.39 7.79
CA THR A 160 20.92 16.35 6.32
C THR A 160 19.65 16.97 5.76
N GLU A 161 19.70 17.46 4.55
CA GLU A 161 18.52 17.91 3.78
C GLU A 161 17.79 16.69 3.20
N CYS A 162 18.50 15.58 3.01
CA CYS A 162 17.94 14.33 2.43
C CYS A 162 16.60 14.03 3.13
N PRO A 163 15.49 13.69 2.45
CA PRO A 163 15.37 13.37 1.02
C PRO A 163 14.99 14.52 0.10
N GLY A 164 15.32 15.75 0.53
CA GLY A 164 14.91 16.96 -0.17
C GLY A 164 13.60 17.50 0.39
N GLY A 165 13.46 18.83 0.47
CA GLY A 165 12.25 19.45 1.07
C GLY A 165 10.95 18.96 0.44
N ARG A 166 10.91 18.95 -0.90
CA ARG A 166 9.69 18.68 -1.66
C ARG A 166 9.31 17.22 -1.44
N LEU A 167 10.27 16.29 -1.54
CA LEU A 167 9.96 14.87 -1.35
C LEU A 167 9.59 14.64 0.12
N PHE A 168 10.23 15.33 1.05
CA PHE A 168 9.93 15.15 2.48
C PHE A 168 8.46 15.57 2.73
N ALA A 169 8.02 16.66 2.15
CA ALA A 169 6.62 17.14 2.27
C ALA A 169 5.65 16.11 1.68
N GLU A 170 6.00 15.51 0.53
CA GLU A 170 5.20 14.42 -0.07
C GLU A 170 5.08 13.23 0.88
N ILE A 171 6.21 12.71 1.41
CA ILE A 171 6.13 11.51 2.27
C ILE A 171 5.42 11.84 3.59
N SER A 172 5.39 13.10 4.04
CA SER A 172 4.65 13.52 5.27
CA SER A 172 4.65 13.51 5.27
C SER A 172 3.17 13.15 5.15
N SER A 173 2.66 12.99 3.94
CA SER A 173 1.24 12.65 3.65
C SER A 173 1.02 11.13 3.54
N TRP A 174 2.06 10.31 3.58
CA TRP A 174 1.92 8.86 3.31
C TRP A 174 1.47 8.16 4.56
N PRO A 175 0.87 6.97 4.43
CA PRO A 175 0.57 6.13 5.60
C PRO A 175 1.83 5.88 6.44
N HIS A 176 1.68 5.89 7.76
CA HIS A 176 2.73 5.51 8.74
C HIS A 176 3.82 6.57 8.86
N PHE A 177 3.69 7.72 8.20
CA PHE A 177 4.63 8.84 8.40
C PHE A 177 4.61 9.21 9.89
N THR A 178 5.77 9.34 10.53
CA THR A 178 5.90 9.42 12.00
C THR A 178 6.72 10.67 12.32
N HIS A 179 6.28 11.54 13.23
CA HIS A 179 7.14 12.64 13.79
C HIS A 179 8.06 12.05 14.86
N GLN B 5 -29.20 6.03 3.67
CA GLN B 5 -28.91 4.83 4.50
C GLN B 5 -29.04 3.57 3.62
N ALA B 6 -27.91 3.10 3.11
CA ALA B 6 -27.84 2.08 2.03
C ALA B 6 -27.77 0.68 2.61
N ASN B 7 -27.37 0.52 3.88
CA ASN B 7 -26.85 -0.76 4.47
C ASN B 7 -27.60 -1.11 5.77
N LEU B 8 -28.61 -0.35 6.19
CA LEU B 8 -29.38 -0.73 7.40
C LEU B 8 -30.78 -0.09 7.31
N GLY B 9 -31.78 -0.83 7.73
CA GLY B 9 -33.09 -0.26 8.10
C GLY B 9 -32.99 0.37 9.46
N ARG B 16 -7.34 -12.15 9.62
CA ARG B 16 -7.73 -13.45 9.02
C ARG B 16 -9.00 -13.18 8.22
N LEU B 17 -9.25 -14.06 7.28
CA LEU B 17 -10.42 -13.97 6.37
C LEU B 17 -11.49 -14.95 6.86
N LEU B 18 -12.63 -14.45 7.27
CA LEU B 18 -13.77 -15.30 7.72
C LEU B 18 -14.68 -15.60 6.54
N SER B 19 -15.18 -16.81 6.49
CA SER B 19 -16.09 -17.28 5.44
C SER B 19 -17.47 -16.69 5.72
N ARG B 20 -18.35 -16.80 4.75
CA ARG B 20 -19.77 -16.42 4.95
C ARG B 20 -20.37 -17.30 6.05
N SER B 21 -20.03 -18.59 6.08
CA SER B 21 -20.57 -19.48 7.12
C SER B 21 -20.03 -19.06 8.49
N ASP B 22 -18.80 -18.55 8.60
CA ASP B 22 -18.24 -18.10 9.89
C ASP B 22 -19.16 -17.02 10.50
N TRP B 23 -19.74 -16.10 9.72
CA TRP B 23 -20.53 -14.97 10.29
C TRP B 23 -22.04 -15.24 10.18
N GLY B 24 -22.44 -16.44 9.79
CA GLY B 24 -23.87 -16.82 9.88
C GLY B 24 -24.69 -16.27 8.72
N ALA B 25 -24.08 -16.08 7.55
CA ALA B 25 -24.74 -15.50 6.38
C ALA B 25 -25.89 -16.40 5.92
N ARG B 26 -26.96 -15.77 5.51
CA ARG B 26 -28.00 -16.42 4.65
C ARG B 26 -27.39 -16.75 3.28
N LEU B 27 -27.91 -17.79 2.63
CA LEU B 27 -27.49 -18.13 1.27
C LEU B 27 -27.79 -16.95 0.37
N PRO B 28 -26.95 -16.70 -0.65
CA PRO B 28 -27.34 -15.82 -1.75
C PRO B 28 -28.57 -16.41 -2.47
N LYS B 29 -29.46 -15.53 -2.93
CA LYS B 29 -30.62 -15.92 -3.79
C LYS B 29 -30.10 -16.53 -5.08
N SER B 30 -28.98 -16.00 -5.57
CA SER B 30 -28.41 -16.29 -6.89
C SER B 30 -26.98 -15.71 -6.89
N VAL B 31 -26.08 -16.29 -7.67
CA VAL B 31 -24.67 -15.83 -7.76
C VAL B 31 -24.35 -15.72 -9.24
N GLU B 32 -23.84 -14.60 -9.67
CA GLU B 32 -23.34 -14.42 -11.05
C GLU B 32 -21.86 -14.10 -10.96
N HIS B 33 -21.04 -14.75 -11.78
CA HIS B 33 -19.57 -14.58 -11.79
C HIS B 33 -19.15 -13.63 -12.89
N PHE B 34 -18.00 -13.00 -12.74
CA PHE B 34 -17.29 -12.30 -13.83
C PHE B 34 -15.92 -12.96 -13.95
N GLN B 35 -15.30 -12.85 -15.13
CA GLN B 35 -14.04 -13.59 -15.42
C GLN B 35 -12.88 -12.61 -15.21
N GLY B 36 -11.69 -13.14 -14.94
CA GLY B 36 -10.42 -12.39 -15.08
C GLY B 36 -10.22 -11.59 -13.81
N PRO B 37 -8.98 -11.13 -13.53
CA PRO B 37 -8.71 -10.34 -12.33
C PRO B 37 -9.47 -9.02 -12.38
N ALA B 38 -9.96 -8.54 -11.24
CA ALA B 38 -10.78 -7.31 -11.19
C ALA B 38 -9.86 -6.13 -11.44
N PRO B 39 -10.18 -5.22 -12.37
CA PRO B 39 -9.37 -4.02 -12.58
C PRO B 39 -9.59 -2.87 -11.59
N TYR B 40 -10.65 -2.94 -10.78
CA TYR B 40 -10.99 -1.88 -9.80
C TYR B 40 -11.16 -2.46 -8.40
N VAL B 41 -10.70 -1.66 -7.42
CA VAL B 41 -11.02 -1.85 -6.00
C VAL B 41 -11.74 -0.60 -5.54
N ILE B 42 -12.94 -0.76 -5.02
CA ILE B 42 -13.83 0.36 -4.63
C ILE B 42 -14.02 0.26 -3.10
N ILE B 43 -13.67 1.31 -2.40
CA ILE B 43 -13.78 1.39 -0.93
C ILE B 43 -15.11 2.08 -0.58
N HIS B 44 -15.76 1.53 0.42
CA HIS B 44 -17.03 2.03 0.99
C HIS B 44 -16.85 2.16 2.48
N HIS B 45 -17.75 2.91 3.11
CA HIS B 45 -18.00 2.81 4.56
C HIS B 45 -19.46 2.36 4.71
N SER B 46 -19.82 1.76 5.81
CA SER B 46 -21.24 1.35 6.03
C SER B 46 -22.11 2.55 6.37
N TYR B 47 -21.57 3.53 7.11
CA TYR B 47 -22.29 4.72 7.67
C TYR B 47 -23.18 4.25 8.82
N MET B 48 -24.13 3.38 8.50
CA MET B 48 -24.89 2.56 9.46
CA MET B 48 -24.87 2.56 9.47
C MET B 48 -24.85 1.14 8.92
N PRO B 49 -24.47 0.13 9.70
CA PRO B 49 -24.21 0.25 11.15
C PRO B 49 -22.88 0.92 11.53
N ALA B 50 -22.69 1.14 12.82
CA ALA B 50 -21.54 1.82 13.44
C ALA B 50 -20.34 0.85 13.47
N VAL B 51 -19.19 1.41 13.81
CA VAL B 51 -17.95 0.66 14.07
C VAL B 51 -18.26 -0.44 15.09
N CYS B 52 -17.68 -1.63 14.85
CA CYS B 52 -17.84 -2.87 15.65
C CYS B 52 -16.43 -3.30 16.10
N TYR B 53 -16.25 -3.66 17.37
CA TYR B 53 -14.91 -3.99 17.92
C TYR B 53 -14.80 -5.47 18.25
N SER B 54 -15.89 -6.13 18.61
CA SER B 54 -15.80 -7.57 18.94
C SER B 54 -16.19 -8.36 17.70
N THR B 55 -15.67 -9.56 17.52
CA THR B 55 -16.05 -10.36 16.37
C THR B 55 -17.54 -10.64 16.35
N PRO B 56 -18.23 -11.07 17.43
CA PRO B 56 -19.66 -11.28 17.33
C PRO B 56 -20.43 -10.02 16.96
N ASP B 57 -19.92 -8.83 17.33
CA ASP B 57 -20.60 -7.57 16.96
C ASP B 57 -20.39 -7.35 15.47
N CYS B 58 -19.19 -7.61 14.95
CA CYS B 58 -18.93 -7.41 13.48
C CYS B 58 -19.75 -8.43 12.69
N MET B 59 -19.92 -9.65 13.22
CA MET B 59 -20.70 -10.68 12.49
C MET B 59 -22.16 -10.24 12.44
N LYS B 60 -22.66 -9.68 13.54
CA LYS B 60 -24.05 -9.15 13.59
C LYS B 60 -24.18 -8.01 12.56
N SER B 61 -23.19 -7.14 12.44
CA SER B 61 -23.23 -6.02 11.46
C SER B 61 -23.32 -6.60 10.05
N MET B 62 -22.54 -7.62 9.76
CA MET B 62 -22.57 -8.27 8.42
C MET B 62 -23.97 -8.85 8.17
N ARG B 63 -24.57 -9.52 9.14
CA ARG B 63 -25.91 -10.11 8.97
C ARG B 63 -26.92 -8.99 8.79
N ASP B 64 -26.77 -7.89 9.53
CA ASP B 64 -27.75 -6.79 9.47
C ASP B 64 -27.69 -6.12 8.10
N MET B 65 -26.51 -5.89 7.57
CA MET B 65 -26.37 -5.35 6.20
C MET B 65 -26.90 -6.35 5.17
N GLN B 66 -26.58 -7.62 5.33
CA GLN B 66 -27.11 -8.64 4.41
C GLN B 66 -28.64 -8.65 4.47
N ASP B 67 -29.20 -8.60 5.65
CA ASP B 67 -30.69 -8.58 5.76
C ASP B 67 -31.28 -7.34 5.08
N PHE B 68 -30.70 -6.16 5.27
CA PHE B 68 -31.22 -4.94 4.59
C PHE B 68 -31.14 -5.10 3.05
N HIS B 69 -29.99 -5.52 2.53
CA HIS B 69 -29.76 -5.67 1.08
C HIS B 69 -30.72 -6.74 0.50
N GLN B 70 -30.82 -7.88 1.13
CA GLN B 70 -31.61 -9.01 0.58
C GLN B 70 -33.08 -8.72 0.79
N LEU B 71 -33.49 -8.36 1.99
CA LEU B 71 -34.92 -8.42 2.40
C LEU B 71 -35.58 -7.09 2.08
N GLU B 72 -34.88 -5.97 2.19
CA GLU B 72 -35.53 -4.67 1.97
C GLU B 72 -35.16 -4.13 0.58
N ARG B 73 -33.96 -4.34 0.06
CA ARG B 73 -33.59 -3.83 -1.30
C ARG B 73 -33.89 -4.90 -2.34
N GLY B 74 -34.11 -6.15 -1.93
CA GLY B 74 -34.41 -7.28 -2.83
C GLY B 74 -33.21 -7.75 -3.62
N TRP B 75 -32.01 -7.51 -3.11
CA TRP B 75 -30.80 -7.97 -3.80
C TRP B 75 -30.54 -9.46 -3.52
N ASN B 76 -29.63 -10.05 -4.31
CA ASN B 76 -29.26 -11.47 -4.24
C ASN B 76 -28.56 -11.73 -2.92
N ASP B 77 -27.85 -10.73 -2.42
CA ASP B 77 -26.91 -10.96 -1.30
C ASP B 77 -26.50 -9.58 -0.77
N ILE B 78 -25.78 -9.57 0.34
CA ILE B 78 -25.01 -8.37 0.74
C ILE B 78 -24.30 -7.85 -0.52
N GLY B 79 -24.34 -6.54 -0.74
CA GLY B 79 -23.89 -5.93 -1.99
C GLY B 79 -22.38 -5.93 -2.16
N PHE B 80 -21.65 -5.98 -1.05
CA PHE B 80 -20.18 -5.82 -1.01
C PHE B 80 -19.49 -7.18 -1.23
N SER B 81 -18.30 -7.13 -1.77
CA SER B 81 -17.43 -8.31 -1.96
C SER B 81 -16.93 -8.78 -0.58
N PHE B 82 -16.50 -7.84 0.25
CA PHE B 82 -15.89 -8.08 1.58
C PHE B 82 -16.29 -6.92 2.49
N GLY B 83 -16.35 -7.23 3.77
CA GLY B 83 -16.45 -6.29 4.88
C GLY B 83 -15.21 -6.36 5.74
N ILE B 84 -14.86 -5.26 6.37
CA ILE B 84 -13.78 -5.17 7.39
C ILE B 84 -14.39 -4.70 8.68
N GLY B 85 -14.10 -5.40 9.78
CA GLY B 85 -14.57 -5.05 11.12
C GLY B 85 -13.49 -4.36 11.93
N GLY B 86 -13.92 -3.68 13.00
CA GLY B 86 -13.01 -3.05 14.00
C GLY B 86 -12.29 -4.07 14.82
N ASP B 87 -12.70 -5.33 14.74
CA ASP B 87 -11.92 -6.51 15.22
C ASP B 87 -10.69 -6.73 14.32
N GLY B 88 -10.54 -6.02 13.20
CA GLY B 88 -9.41 -6.21 12.28
C GLY B 88 -9.57 -7.44 11.41
N MET B 89 -10.75 -8.05 11.39
CA MET B 89 -10.99 -9.25 10.56
C MET B 89 -11.66 -8.82 9.23
N ILE B 90 -11.46 -9.66 8.24
CA ILE B 90 -12.06 -9.55 6.89
C ILE B 90 -13.21 -10.56 6.80
N TYR B 91 -14.39 -10.08 6.40
CA TYR B 91 -15.62 -10.87 6.26
C TYR B 91 -15.91 -11.08 4.79
N THR B 92 -16.00 -12.32 4.35
CA THR B 92 -16.43 -12.62 2.97
C THR B 92 -17.87 -12.19 2.76
N GLY B 93 -18.11 -11.32 1.79
CA GLY B 93 -19.45 -10.99 1.33
C GLY B 93 -19.72 -11.84 0.07
N ARG B 94 -19.88 -11.19 -1.07
CA ARG B 94 -19.99 -11.96 -2.34
C ARG B 94 -18.66 -12.61 -2.72
N GLY B 95 -17.54 -12.09 -2.23
CA GLY B 95 -16.22 -12.62 -2.57
C GLY B 95 -15.70 -12.19 -3.92
N PHE B 96 -14.54 -12.74 -4.26
CA PHE B 96 -13.84 -12.40 -5.52
C PHE B 96 -14.60 -12.98 -6.72
N ASN B 97 -14.65 -12.22 -7.81
CA ASN B 97 -15.11 -12.62 -9.16
C ASN B 97 -16.61 -12.88 -9.11
N VAL B 98 -17.31 -12.30 -8.13
CA VAL B 98 -18.78 -12.39 -8.08
C VAL B 98 -19.28 -10.98 -8.35
N ILE B 99 -20.25 -10.88 -9.24
CA ILE B 99 -20.84 -9.57 -9.59
C ILE B 99 -21.49 -9.01 -8.32
N GLY B 100 -21.13 -7.80 -7.99
CA GLY B 100 -21.59 -7.16 -6.76
C GLY B 100 -22.84 -6.33 -6.96
N ALA B 101 -23.25 -5.68 -5.87
CA ALA B 101 -24.34 -4.69 -5.86
C ALA B 101 -23.87 -3.55 -4.96
N HIS B 102 -22.76 -2.92 -5.32
CA HIS B 102 -22.19 -1.82 -4.49
C HIS B 102 -21.86 -0.57 -5.33
N ALA B 103 -21.64 -0.70 -6.63
CA ALA B 103 -21.26 0.46 -7.49
C ALA B 103 -21.64 0.18 -8.94
N PRO B 104 -22.80 0.71 -9.39
CA PRO B 104 -23.28 0.52 -10.76
C PRO B 104 -22.21 0.85 -11.81
N LYS B 105 -22.12 -0.01 -12.82
CA LYS B 105 -21.16 0.04 -13.95
C LYS B 105 -19.82 -0.55 -13.51
N TYR B 106 -19.64 -0.83 -12.23
CA TYR B 106 -18.37 -1.41 -11.71
C TYR B 106 -18.58 -2.73 -10.98
N ASN B 107 -19.83 -3.20 -10.89
CA ASN B 107 -20.19 -4.41 -10.12
C ASN B 107 -19.55 -5.65 -10.74
N ASP B 108 -19.32 -5.66 -12.05
CA ASP B 108 -18.81 -6.86 -12.73
C ASP B 108 -17.31 -6.69 -12.98
N LYS B 109 -16.64 -5.75 -12.33
CA LYS B 109 -15.22 -5.47 -12.66
C LYS B 109 -14.50 -4.91 -11.44
N SER B 110 -14.97 -5.23 -10.23
CA SER B 110 -14.37 -4.64 -9.03
C SER B 110 -14.47 -5.60 -7.85
N VAL B 111 -13.66 -5.28 -6.87
CA VAL B 111 -13.81 -5.76 -5.48
C VAL B 111 -14.34 -4.59 -4.69
N GLY B 112 -15.53 -4.73 -4.12
CA GLY B 112 -16.13 -3.69 -3.29
C GLY B 112 -15.89 -4.02 -1.83
N ILE B 113 -15.16 -3.16 -1.14
CA ILE B 113 -14.75 -3.44 0.27
C ILE B 113 -15.44 -2.42 1.15
N VAL B 114 -16.18 -2.86 2.15
CA VAL B 114 -16.81 -1.92 3.11
C VAL B 114 -16.04 -1.97 4.42
N LEU B 115 -15.63 -0.78 4.89
CA LEU B 115 -15.06 -0.62 6.24
C LEU B 115 -16.24 -0.30 7.14
N ILE B 116 -16.64 -1.24 7.98
CA ILE B 116 -17.86 -1.04 8.80
C ILE B 116 -17.69 0.16 9.71
N GLY B 117 -18.62 1.08 9.66
CA GLY B 117 -18.59 2.28 10.50
C GLY B 117 -18.88 3.53 9.68
N ASP B 118 -18.98 4.62 10.41
CA ASP B 118 -19.14 5.99 9.83
C ASP B 118 -17.79 6.70 9.83
N TRP B 119 -17.17 6.83 8.67
CA TRP B 119 -15.78 7.36 8.53
C TRP B 119 -15.81 8.70 7.78
N ARG B 120 -16.88 9.47 8.01
CA ARG B 120 -16.98 10.85 7.48
C ARG B 120 -15.91 11.75 8.12
N THR B 121 -15.68 11.67 9.42
CA THR B 121 -14.77 12.57 10.15
C THR B 121 -13.72 11.80 10.91
N GLU B 122 -14.03 10.61 11.43
CA GLU B 122 -13.03 9.81 12.19
C GLU B 122 -12.31 8.87 11.21
N LEU B 123 -11.06 8.57 11.49
CA LEU B 123 -10.26 7.61 10.73
C LEU B 123 -10.54 6.24 11.29
N PRO B 124 -10.77 5.20 10.47
CA PRO B 124 -10.84 3.85 10.99
C PRO B 124 -9.60 3.52 11.79
N PRO B 125 -9.74 2.73 12.86
CA PRO B 125 -8.57 2.29 13.61
C PRO B 125 -7.63 1.49 12.72
N LYS B 126 -6.38 1.50 13.14
CA LYS B 126 -5.27 0.93 12.35
C LYS B 126 -5.58 -0.50 11.91
N GLN B 127 -6.13 -1.37 12.76
CA GLN B 127 -6.37 -2.78 12.38
C GLN B 127 -7.33 -2.89 11.19
N MET B 128 -8.22 -1.92 11.01
CA MET B 128 -9.12 -1.92 9.83
C MET B 128 -8.39 -1.50 8.56
N LEU B 129 -7.53 -0.50 8.64
CA LEU B 129 -6.75 -0.06 7.46
C LEU B 129 -5.78 -1.16 7.09
N ASP B 130 -5.15 -1.79 8.08
CA ASP B 130 -4.23 -2.92 7.81
C ASP B 130 -4.98 -4.07 7.13
N ALA B 131 -6.15 -4.45 7.63
CA ALA B 131 -6.95 -5.55 7.04
C ALA B 131 -7.28 -5.20 5.57
N ALA B 132 -7.70 -3.98 5.28
CA ALA B 132 -8.09 -3.59 3.90
C ALA B 132 -6.84 -3.66 2.99
N LYS B 133 -5.68 -3.19 3.48
CA LYS B 133 -4.45 -3.27 2.66
C LYS B 133 -4.06 -4.73 2.44
N ASN B 134 -4.18 -5.57 3.47
CA ASN B 134 -3.81 -7.01 3.40
CA ASN B 134 -3.81 -7.01 3.37
C ASN B 134 -4.75 -7.73 2.42
N LEU B 135 -6.05 -7.42 2.47
CA LEU B 135 -6.99 -8.05 1.54
C LEU B 135 -6.60 -7.72 0.09
N ILE B 136 -6.29 -6.47 -0.17
CA ILE B 136 -5.95 -6.05 -1.57
C ILE B 136 -4.66 -6.76 -2.00
N ALA B 137 -3.63 -6.75 -1.14
CA ALA B 137 -2.34 -7.43 -1.45
C ALA B 137 -2.63 -8.90 -1.74
N PHE B 138 -3.48 -9.52 -0.92
CA PHE B 138 -3.83 -10.95 -1.06
C PHE B 138 -4.48 -11.20 -2.41
N GLY B 139 -5.47 -10.36 -2.73
CA GLY B 139 -6.19 -10.46 -4.02
C GLY B 139 -5.23 -10.39 -5.19
N VAL B 140 -4.26 -9.48 -5.14
CA VAL B 140 -3.29 -9.33 -6.26
C VAL B 140 -2.43 -10.61 -6.32
N PHE B 141 -1.97 -11.09 -5.19
CA PHE B 141 -1.04 -12.24 -5.12
C PHE B 141 -1.73 -13.48 -5.67
N LYS B 142 -3.03 -13.67 -5.38
CA LYS B 142 -3.75 -14.92 -5.73
C LYS B 142 -4.36 -14.78 -7.14
N GLY B 143 -4.25 -13.65 -7.81
CA GLY B 143 -4.73 -13.46 -9.20
C GLY B 143 -6.17 -13.01 -9.29
N TYR B 144 -6.76 -12.51 -8.21
CA TYR B 144 -8.18 -12.04 -8.23
C TYR B 144 -8.28 -10.55 -8.53
N ILE B 145 -7.21 -9.81 -8.26
CA ILE B 145 -7.17 -8.36 -8.51
C ILE B 145 -6.03 -8.15 -9.51
N ASP B 146 -6.32 -7.34 -10.53
CA ASP B 146 -5.32 -7.01 -11.58
C ASP B 146 -4.11 -6.36 -10.93
N PRO B 147 -2.87 -6.75 -11.32
CA PRO B 147 -1.68 -6.11 -10.75
C PRO B 147 -1.61 -4.61 -11.04
N ALA B 148 -2.31 -4.13 -12.07
CA ALA B 148 -2.43 -2.68 -12.35
C ALA B 148 -3.80 -2.15 -11.94
N TYR B 149 -4.42 -2.74 -10.91
CA TYR B 149 -5.76 -2.27 -10.44
C TYR B 149 -5.72 -0.76 -10.18
N LYS B 150 -6.91 -0.17 -10.27
CA LYS B 150 -7.20 1.20 -9.85
C LYS B 150 -8.02 1.18 -8.56
N LEU B 151 -7.52 1.86 -7.53
CA LEU B 151 -8.21 2.01 -6.23
C LEU B 151 -9.06 3.27 -6.29
N LEU B 152 -10.35 3.14 -5.99
CA LEU B 152 -11.28 4.28 -5.99
C LEU B 152 -12.08 4.28 -4.67
N GLY B 153 -12.62 5.42 -4.29
CA GLY B 153 -13.73 5.49 -3.32
C GLY B 153 -15.04 5.50 -4.06
N HIS B 154 -16.11 5.00 -3.42
CA HIS B 154 -17.45 4.98 -4.06
C HIS B 154 -17.78 6.35 -4.68
N ARG B 155 -17.48 7.42 -4.00
CA ARG B 155 -17.90 8.81 -4.38
C ARG B 155 -17.27 9.20 -5.72
N GLN B 156 -16.25 8.49 -6.20
CA GLN B 156 -15.62 8.82 -7.49
C GLN B 156 -16.48 8.30 -8.64
N VAL B 157 -17.39 7.35 -8.40
CA VAL B 157 -18.16 6.71 -9.51
C VAL B 157 -19.66 6.85 -9.28
N ARG B 158 -20.12 7.51 -8.24
CA ARG B 158 -21.55 7.63 -7.92
C ARG B 158 -21.68 8.85 -7.05
N ASP B 159 -22.83 9.51 -7.09
CA ASP B 159 -23.08 10.72 -6.28
C ASP B 159 -23.35 10.27 -4.83
N THR B 160 -22.35 10.23 -3.97
CA THR B 160 -22.48 9.78 -2.56
C THR B 160 -21.32 10.38 -1.78
N GLU B 161 -21.46 10.51 -0.48
CA GLU B 161 -20.37 10.85 0.46
C GLU B 161 -19.49 9.62 0.72
N CYS B 162 -20.05 8.43 0.53
CA CYS B 162 -19.29 7.15 0.76
C CYS B 162 -17.92 7.22 0.04
N PRO B 163 -16.76 6.86 0.65
CA PRO B 163 -16.64 6.15 1.93
C PRO B 163 -16.45 7.03 3.17
N GLY B 164 -16.92 8.26 3.08
CA GLY B 164 -16.69 9.26 4.14
C GLY B 164 -15.48 10.13 3.83
N GLY B 165 -15.55 11.44 4.13
CA GLY B 165 -14.44 12.35 3.79
C GLY B 165 -13.09 11.88 4.35
N ARG B 166 -13.07 11.49 5.62
CA ARG B 166 -11.82 11.17 6.33
C ARG B 166 -11.23 9.89 5.74
N LEU B 167 -12.04 8.87 5.51
CA LEU B 167 -11.53 7.62 4.91
C LEU B 167 -11.11 7.87 3.47
N PHE B 168 -11.83 8.71 2.74
CA PHE B 168 -11.50 9.03 1.35
C PHE B 168 -10.14 9.71 1.29
N ALA B 169 -9.87 10.62 2.22
CA ALA B 169 -8.56 11.33 2.28
C ALA B 169 -7.46 10.32 2.59
N GLU B 170 -7.70 9.39 3.51
CA GLU B 170 -6.76 8.30 3.81
C GLU B 170 -6.46 7.48 2.56
N ILE B 171 -7.46 6.96 1.85
CA ILE B 171 -7.18 6.06 0.69
C ILE B 171 -6.52 6.85 -0.44
N SER B 172 -6.71 8.17 -0.50
CA SER B 172 -6.05 9.02 -1.54
CA SER B 172 -6.05 9.00 -1.56
C SER B 172 -4.53 8.89 -1.46
N SER B 173 -4.00 8.50 -0.30
CA SER B 173 -2.53 8.34 -0.08
C SER B 173 -2.06 6.91 -0.37
N TRP B 174 -2.97 5.97 -0.66
CA TRP B 174 -2.58 4.56 -0.82
C TRP B 174 -2.01 4.29 -2.21
N PRO B 175 -1.23 3.21 -2.36
CA PRO B 175 -0.81 2.73 -3.66
C PRO B 175 -2.03 2.53 -4.58
N HIS B 176 -1.88 2.90 -5.85
CA HIS B 176 -2.87 2.64 -6.95
C HIS B 176 -4.11 3.52 -6.84
N PHE B 177 -4.16 4.46 -5.90
CA PHE B 177 -5.28 5.42 -5.84
C PHE B 177 -5.30 6.17 -7.16
N THR B 178 -6.46 6.28 -7.80
CA THR B 178 -6.59 6.79 -9.20
C THR B 178 -7.60 7.95 -9.20
N HIS B 179 -7.29 9.10 -9.82
CA HIS B 179 -8.32 10.12 -10.16
C HIS B 179 -9.06 9.64 -11.41
N ILE B 180 -10.40 9.63 -11.40
CA ILE B 180 -11.22 9.03 -12.51
C ILE B 180 -11.67 10.21 -13.39
#